data_8EW9
#
_entry.id   8EW9
#
_cell.length_a   39.870
_cell.length_b   71.350
_cell.length_c   40.220
_cell.angle_alpha   90.000
_cell.angle_beta   95.165
_cell.angle_gamma   90.000
#
_symmetry.space_group_name_H-M   'P 1 21 1'
#
loop_
_entity.id
_entity.type
_entity.pdbx_description
1 polymer 'Altered inheritance of mitochondria protein 46, mitochondrial'
2 non-polymer '2-OXOGLUTARIC ACID'
3 water water
#
_entity_poly.entity_id   1
_entity_poly.type   'polypeptide(L)'
_entity_poly.pdbx_seq_one_letter_code
;DDSQIKKADATSVAVDASISAFPKKMGPPQWPFSTQYELIGKGVRCVSSITFKAYGLGIYVAAEDKHLVSEVLDSKFLSQ
AFIDTAAPPSPENSHQDNLRAALNDPAKAPILINNLLDSGIRLMSKNTPIKAGSFKLLMDGTKKSVLKNPDSQSQDKDRL
EAGFQELHDCFRSVKGLVARDDDFFIELNKDCSMNLSYYARKKDEFVILGTVKEPLIGKLLFAHYLAAVDPPSPEARKEV
IDALVSLS
;
_entity_poly.pdbx_strand_id   A
#
loop_
_chem_comp.id
_chem_comp.type
_chem_comp.name
_chem_comp.formula
AKG non-polymer '2-OXOGLUTARIC ACID' 'C5 H6 O5'
#
# COMPACT_ATOMS: atom_id res chain seq x y z
N ALA A 8 1.68 -12.14 20.21
CA ALA A 8 1.60 -12.62 18.85
C ALA A 8 1.75 -14.14 18.77
N ASP A 9 1.02 -14.74 17.83
CA ASP A 9 1.13 -16.15 17.49
C ASP A 9 1.92 -16.31 16.20
N ALA A 10 2.20 -17.56 15.85
N ALA A 10 2.20 -17.56 15.85
CA ALA A 10 2.84 -17.85 14.57
CA ALA A 10 2.84 -17.85 14.57
C ALA A 10 1.95 -17.49 13.39
C ALA A 10 1.95 -17.49 13.39
N THR A 11 0.72 -17.06 13.67
CA THR A 11 -0.22 -16.60 12.65
C THR A 11 -0.34 -15.09 12.62
N SER A 12 0.48 -14.39 13.39
CA SER A 12 0.47 -12.93 13.42
C SER A 12 1.89 -12.46 13.68
N VAL A 13 2.15 -11.19 13.39
CA VAL A 13 3.48 -10.60 13.54
C VAL A 13 3.36 -9.29 14.31
N ALA A 14 4.33 -9.03 15.18
CA ALA A 14 4.31 -7.82 15.98
C ALA A 14 4.78 -6.63 15.15
N VAL A 15 4.05 -5.53 15.25
CA VAL A 15 4.43 -4.27 14.63
C VAL A 15 4.83 -3.23 15.66
N ASP A 16 4.08 -3.13 16.76
CA ASP A 16 4.44 -2.25 17.87
C ASP A 16 3.71 -2.72 19.12
N ALA A 17 4.36 -2.56 20.28
CA ALA A 17 3.82 -3.09 21.53
C ALA A 17 2.52 -2.41 21.94
N SER A 18 2.26 -1.20 21.44
CA SER A 18 1.07 -0.45 21.80
C SER A 18 -0.17 -0.91 21.07
N ILE A 19 -0.05 -1.74 20.04
CA ILE A 19 -1.18 -2.17 19.22
C ILE A 19 -1.08 -3.67 18.95
N SER A 20 -2.17 -4.22 18.42
CA SER A 20 -2.27 -5.67 18.28
C SER A 20 -1.32 -6.18 17.21
N ALA A 21 -0.92 -7.44 17.37
CA ALA A 21 -0.17 -8.10 16.31
C ALA A 21 -1.01 -8.15 15.05
N PHE A 22 -0.34 -8.10 13.90
CA PHE A 22 -1.06 -8.12 12.61
C PHE A 22 -1.22 -9.54 12.13
N PRO A 23 -2.43 -9.98 11.76
CA PRO A 23 -2.57 -11.31 11.15
C PRO A 23 -1.72 -11.43 9.89
N LYS A 24 -1.12 -12.62 9.69
CA LYS A 24 -0.42 -12.90 8.44
C LYS A 24 -1.39 -13.15 7.29
N LYS A 25 -2.60 -13.60 7.60
CA LYS A 25 -3.64 -13.82 6.61
C LYS A 25 -4.96 -13.25 7.10
N MET A 26 -5.68 -12.60 6.20
CA MET A 26 -6.96 -11.98 6.50
C MET A 26 -7.87 -12.11 5.29
N GLY A 27 -9.10 -12.57 5.50
CA GLY A 27 -10.07 -12.68 4.44
C GLY A 27 -11.47 -12.94 4.99
N PRO A 28 -12.47 -13.05 4.11
CA PRO A 28 -13.81 -13.44 4.55
C PRO A 28 -13.80 -14.88 5.02
N PRO A 29 -14.75 -15.26 5.89
CA PRO A 29 -15.80 -14.40 6.44
C PRO A 29 -15.34 -13.65 7.70
N GLN A 30 -14.17 -14.00 8.21
CA GLN A 30 -13.71 -13.42 9.47
C GLN A 30 -13.55 -11.90 9.34
N TRP A 31 -13.09 -11.44 8.16
CA TRP A 31 -12.93 -10.03 7.84
C TRP A 31 -13.74 -9.69 6.59
N PRO A 32 -14.38 -8.50 6.54
CA PRO A 32 -15.32 -8.19 5.46
C PRO A 32 -14.65 -7.80 4.14
N PHE A 33 -13.73 -8.64 3.67
CA PHE A 33 -12.89 -8.34 2.51
C PHE A 33 -13.38 -9.09 1.27
N SER A 34 -12.85 -8.67 0.10
CA SER A 34 -13.28 -9.24 -1.18
C SER A 34 -12.64 -10.60 -1.44
N THR A 35 -11.45 -10.83 -0.93
CA THR A 35 -10.72 -12.06 -1.16
C THR A 35 -9.80 -12.26 0.04
N GLN A 36 -8.95 -13.29 -0.04
CA GLN A 36 -8.02 -13.63 1.02
C GLN A 36 -6.70 -12.91 0.77
N TYR A 37 -6.16 -12.28 1.81
CA TYR A 37 -4.93 -11.51 1.71
C TYR A 37 -3.83 -12.10 2.58
N GLU A 38 -2.59 -11.90 2.15
CA GLU A 38 -1.40 -12.34 2.87
C GLU A 38 -0.51 -11.14 3.10
N LEU A 39 -0.04 -10.99 4.35
CA LEU A 39 0.85 -9.90 4.72
C LEU A 39 2.19 -10.01 4.00
N ILE A 40 2.62 -8.93 3.35
CA ILE A 40 3.91 -8.93 2.67
C ILE A 40 4.83 -7.81 3.14
N GLY A 41 4.37 -6.92 4.03
CA GLY A 41 5.24 -5.90 4.60
C GLY A 41 4.55 -5.14 5.72
N LYS A 42 5.30 -4.77 6.75
CA LYS A 42 4.74 -4.11 7.92
C LYS A 42 5.73 -3.04 8.36
N GLY A 43 5.27 -2.11 9.19
CA GLY A 43 6.15 -1.13 9.78
C GLY A 43 5.33 -0.08 10.49
N VAL A 44 6.05 0.80 11.17
CA VAL A 44 5.46 1.89 11.92
C VAL A 44 5.63 3.18 11.13
N ARG A 45 4.53 3.91 10.95
CA ARG A 45 4.54 5.21 10.29
C ARG A 45 4.78 6.24 11.39
N CYS A 46 5.94 6.86 11.35
CA CYS A 46 6.36 7.88 12.28
C CYS A 46 6.25 9.25 11.63
N VAL A 47 6.22 10.27 12.47
CA VAL A 47 6.21 11.66 12.04
C VAL A 47 7.46 12.29 12.64
N SER A 48 8.47 12.52 11.80
CA SER A 48 9.74 13.13 12.18
C SER A 48 10.75 12.09 12.65
N SER A 49 10.41 11.35 13.70
CA SER A 49 11.36 10.45 14.33
C SER A 49 10.63 9.21 14.84
N ILE A 50 11.40 8.13 15.05
CA ILE A 50 10.84 6.94 15.69
C ILE A 50 10.28 7.26 17.07
N THR A 51 10.61 8.43 17.61
CA THR A 51 10.11 8.90 18.89
C THR A 51 8.62 9.14 18.88
N PHE A 52 8.03 9.29 17.70
CA PHE A 52 6.65 9.76 17.57
C PHE A 52 5.95 8.86 16.54
N LYS A 53 5.33 7.80 17.05
CA LYS A 53 4.67 6.80 16.23
C LYS A 53 3.22 7.20 16.00
N ALA A 54 2.80 7.21 14.74
CA ALA A 54 1.45 7.63 14.38
C ALA A 54 0.52 6.45 14.17
N TYR A 55 0.94 5.46 13.38
CA TYR A 55 0.13 4.27 13.18
C TYR A 55 1.00 3.12 12.72
N GLY A 56 0.48 1.91 12.89
CA GLY A 56 1.09 0.72 12.34
C GLY A 56 0.54 0.46 10.96
N LEU A 57 1.45 0.17 10.02
CA LEU A 57 1.08 -0.08 8.63
C LEU A 57 1.35 -1.54 8.26
N GLY A 58 0.35 -2.17 7.64
CA GLY A 58 0.50 -3.49 7.05
C GLY A 58 0.05 -3.49 5.60
N ILE A 59 0.90 -3.97 4.69
CA ILE A 59 0.56 -4.11 3.27
C ILE A 59 0.37 -5.58 2.97
N TYR A 60 -0.73 -5.90 2.28
CA TYR A 60 -1.14 -7.27 2.02
C TYR A 60 -1.34 -7.44 0.52
N VAL A 61 -1.13 -8.65 0.04
CA VAL A 61 -1.45 -8.99 -1.35
C VAL A 61 -2.52 -10.07 -1.37
N ALA A 62 -3.39 -10.00 -2.38
CA ALA A 62 -4.36 -11.07 -2.58
C ALA A 62 -3.63 -12.38 -2.83
N ALA A 63 -3.97 -13.41 -2.06
CA ALA A 63 -3.30 -14.69 -2.23
C ALA A 63 -3.42 -15.20 -3.66
N GLU A 64 -4.58 -14.97 -4.29
CA GLU A 64 -4.83 -15.48 -5.63
C GLU A 64 -4.06 -14.75 -6.72
N ASP A 65 -3.39 -13.64 -6.37
CA ASP A 65 -2.73 -12.78 -7.36
C ASP A 65 -1.21 -12.82 -7.28
N LYS A 66 -0.65 -13.57 -6.35
CA LYS A 66 0.81 -13.57 -6.18
C LYS A 66 1.52 -13.99 -7.47
N HIS A 67 0.88 -14.84 -8.26
CA HIS A 67 1.46 -15.30 -9.52
C HIS A 67 1.70 -14.15 -10.48
N LEU A 68 0.89 -13.09 -10.39
CA LEU A 68 1.02 -11.98 -11.32
C LEU A 68 2.34 -11.25 -11.18
N VAL A 69 2.91 -11.20 -9.98
CA VAL A 69 4.13 -10.43 -9.79
C VAL A 69 5.18 -10.86 -10.81
N SER A 70 5.46 -12.16 -10.88
CA SER A 70 6.51 -12.64 -11.77
C SER A 70 6.17 -12.41 -13.23
N GLU A 71 4.87 -12.42 -13.58
CA GLU A 71 4.46 -12.22 -14.96
C GLU A 71 4.48 -10.75 -15.35
N VAL A 72 4.29 -9.85 -14.38
CA VAL A 72 4.27 -8.42 -14.67
C VAL A 72 5.67 -7.84 -14.64
N LEU A 73 6.41 -8.15 -13.59
CA LEU A 73 7.76 -7.67 -13.36
C LEU A 73 8.76 -8.70 -13.84
N ASP A 74 8.61 -9.12 -15.08
CA ASP A 74 9.47 -10.14 -15.66
C ASP A 74 10.69 -9.48 -16.31
N SER A 75 11.64 -10.31 -16.70
CA SER A 75 12.87 -9.80 -17.30
C SER A 75 12.58 -9.02 -18.58
N LYS A 76 11.57 -9.44 -19.35
CA LYS A 76 11.24 -8.73 -20.58
C LYS A 76 10.85 -7.29 -20.29
N PHE A 77 9.97 -7.09 -19.31
CA PHE A 77 9.55 -5.73 -19.00
C PHE A 77 10.71 -4.90 -18.46
N LEU A 78 11.54 -5.49 -17.60
CA LEU A 78 12.72 -4.77 -17.11
C LEU A 78 13.57 -4.28 -18.26
N SER A 79 13.88 -5.19 -19.19
CA SER A 79 14.74 -4.84 -20.30
C SER A 79 14.11 -3.75 -21.15
N GLN A 80 12.83 -3.92 -21.50
CA GLN A 80 12.19 -2.98 -22.41
C GLN A 80 11.99 -1.61 -21.77
N ALA A 81 11.68 -1.58 -20.47
CA ALA A 81 11.35 -0.31 -19.83
C ALA A 81 12.53 0.65 -19.83
N PHE A 82 13.75 0.13 -19.65
CA PHE A 82 14.92 0.97 -19.47
C PHE A 82 16.01 0.68 -20.49
N ILE A 83 15.67 0.06 -21.62
CA ILE A 83 16.72 -0.34 -22.57
C ILE A 83 17.43 0.88 -23.14
N ASP A 84 16.72 2.00 -23.28
CA ASP A 84 17.29 3.20 -23.88
C ASP A 84 17.75 4.23 -22.85
N THR A 85 17.41 4.05 -21.58
CA THR A 85 17.64 5.06 -20.55
C THR A 85 18.84 4.73 -19.67
N ALA A 86 18.92 3.50 -19.17
CA ALA A 86 19.95 3.10 -18.22
C ALA A 86 20.85 2.05 -18.83
N ALA A 87 22.03 1.89 -18.24
CA ALA A 87 22.89 0.80 -18.68
C ALA A 87 22.20 -0.53 -18.39
N PRO A 88 22.44 -1.56 -19.20
CA PRO A 88 21.74 -2.83 -19.02
C PRO A 88 22.20 -3.53 -17.76
N PRO A 89 21.38 -4.40 -17.17
CA PRO A 89 21.83 -5.21 -16.03
C PRO A 89 22.86 -6.25 -16.44
N SER A 90 23.73 -6.58 -15.49
CA SER A 90 24.82 -7.50 -15.77
C SER A 90 24.25 -8.89 -16.05
N PRO A 91 24.71 -9.58 -17.10
CA PRO A 91 24.05 -10.83 -17.49
C PRO A 91 24.21 -11.97 -16.51
N GLU A 92 25.19 -11.93 -15.61
CA GLU A 92 25.33 -12.99 -14.62
C GLU A 92 24.40 -12.83 -13.42
N ASN A 93 23.83 -11.64 -13.22
CA ASN A 93 22.89 -11.45 -12.14
C ASN A 93 21.61 -12.24 -12.41
N SER A 94 20.98 -12.69 -11.32
CA SER A 94 19.64 -13.24 -11.43
C SER A 94 18.64 -12.15 -11.79
N HIS A 95 17.49 -12.57 -12.30
CA HIS A 95 16.42 -11.60 -12.52
C HIS A 95 16.01 -10.97 -11.20
N GLN A 96 15.89 -11.78 -10.14
CA GLN A 96 15.51 -11.22 -8.84
C GLN A 96 16.48 -10.12 -8.42
N ASP A 97 17.80 -10.34 -8.59
CA ASP A 97 18.76 -9.29 -8.23
C ASP A 97 18.56 -8.05 -9.11
N ASN A 98 18.32 -8.25 -10.42
CA ASN A 98 18.11 -7.13 -11.33
C ASN A 98 16.83 -6.37 -11.01
N LEU A 99 15.77 -7.09 -10.70
CA LEU A 99 14.53 -6.43 -10.31
C LEU A 99 14.70 -5.67 -9.01
N ARG A 100 15.39 -6.26 -8.04
CA ARG A 100 15.55 -5.60 -6.74
C ARG A 100 16.28 -4.27 -6.91
N ALA A 101 17.30 -4.24 -7.76
CA ALA A 101 18.08 -3.01 -7.91
C ALA A 101 17.25 -1.93 -8.58
N ALA A 102 16.40 -2.31 -9.53
CA ALA A 102 15.54 -1.34 -10.19
C ALA A 102 14.47 -0.79 -9.24
N LEU A 103 13.87 -1.66 -8.42
CA LEU A 103 12.86 -1.24 -7.47
C LEU A 103 13.41 -0.35 -6.35
N ASN A 104 14.73 -0.32 -6.16
CA ASN A 104 15.34 0.61 -5.21
C ASN A 104 16.00 1.80 -5.91
N ASP A 105 15.95 1.84 -7.23
CA ASP A 105 16.52 2.93 -8.00
C ASP A 105 15.48 4.05 -8.13
N PRO A 106 15.75 5.26 -7.66
CA PRO A 106 14.74 6.32 -7.74
C PRO A 106 14.21 6.57 -9.13
N ALA A 107 15.01 6.32 -10.18
CA ALA A 107 14.63 6.61 -11.55
C ALA A 107 13.80 5.50 -12.18
N LYS A 108 13.92 4.27 -11.70
CA LYS A 108 13.23 3.14 -12.29
C LYS A 108 12.01 2.71 -11.48
N ALA A 109 12.09 2.79 -10.14
CA ALA A 109 11.03 2.27 -9.29
C ALA A 109 9.65 2.82 -9.62
N PRO A 110 9.44 4.14 -9.79
CA PRO A 110 8.08 4.62 -10.05
C PRO A 110 7.47 3.95 -11.26
N ILE A 111 8.25 3.75 -12.32
CA ILE A 111 7.77 3.10 -13.53
C ILE A 111 7.38 1.65 -13.24
N LEU A 112 8.25 0.94 -12.52
CA LEU A 112 7.94 -0.46 -12.21
C LEU A 112 6.69 -0.54 -11.35
N ILE A 113 6.59 0.32 -10.34
N ILE A 113 6.59 0.33 -10.36
CA ILE A 113 5.45 0.29 -9.46
CA ILE A 113 5.44 0.29 -9.45
C ILE A 113 4.16 0.67 -10.19
C ILE A 113 4.16 0.67 -10.19
N ASN A 114 4.22 1.67 -11.07
CA ASN A 114 3.03 2.06 -11.83
C ASN A 114 2.53 0.90 -12.69
N ASN A 115 3.46 0.17 -13.30
N ASN A 115 3.44 0.15 -13.30
CA ASN A 115 3.09 -0.97 -14.13
CA ASN A 115 3.00 -0.95 -14.14
C ASN A 115 2.50 -2.09 -13.28
C ASN A 115 2.53 -2.13 -13.30
N LEU A 116 3.07 -2.30 -12.08
CA LEU A 116 2.51 -3.28 -11.17
C LEU A 116 1.10 -2.89 -10.76
N LEU A 117 0.90 -1.62 -10.46
CA LEU A 117 -0.41 -1.14 -10.01
C LEU A 117 -1.44 -1.02 -11.13
N ASP A 118 -1.04 -1.21 -12.39
CA ASP A 118 -2.00 -1.24 -13.49
C ASP A 118 -2.34 -2.65 -13.94
N SER A 119 -1.79 -3.66 -13.27
CA SER A 119 -1.88 -5.03 -13.77
C SER A 119 -3.10 -5.78 -13.26
N GLY A 120 -3.88 -5.18 -12.39
CA GLY A 120 -5.02 -5.83 -11.78
C GLY A 120 -4.75 -6.53 -10.47
N ILE A 121 -3.51 -6.45 -9.96
CA ILE A 121 -3.16 -7.15 -8.72
C ILE A 121 -3.88 -6.49 -7.55
N ARG A 122 -4.49 -7.30 -6.70
CA ARG A 122 -5.27 -6.79 -5.58
C ARG A 122 -4.36 -6.67 -4.36
N LEU A 123 -4.43 -5.51 -3.70
CA LEU A 123 -3.63 -5.21 -2.53
C LEU A 123 -4.53 -4.65 -1.44
N MET A 124 -4.02 -4.65 -0.21
CA MET A 124 -4.77 -4.11 0.90
C MET A 124 -3.81 -3.50 1.89
N SER A 125 -4.16 -2.34 2.43
CA SER A 125 -3.37 -1.71 3.49
C SER A 125 -4.19 -1.79 4.77
N LYS A 126 -3.52 -2.19 5.85
CA LYS A 126 -4.07 -2.21 7.18
C LYS A 126 -3.39 -1.06 7.94
N ASN A 127 -4.19 -0.07 8.34
CA ASN A 127 -3.69 1.17 8.92
C ASN A 127 -4.28 1.24 10.32
N THR A 128 -3.44 0.95 11.32
CA THR A 128 -3.85 0.82 12.71
C THR A 128 -3.33 1.99 13.52
N PRO A 129 -4.19 2.89 14.00
CA PRO A 129 -3.71 4.07 14.75
C PRO A 129 -2.99 3.72 16.04
N ILE A 130 -1.91 4.44 16.27
CA ILE A 130 -1.20 4.43 17.54
C ILE A 130 -1.48 5.71 18.32
N LYS A 131 -1.35 6.86 17.66
CA LYS A 131 -1.72 8.15 18.22
C LYS A 131 -2.90 8.67 17.39
N ALA A 132 -4.09 8.73 18.00
CA ALA A 132 -5.29 9.00 17.21
C ALA A 132 -5.25 10.40 16.61
N GLY A 133 -4.80 11.39 17.39
CA GLY A 133 -4.76 12.75 16.88
C GLY A 133 -3.88 12.90 15.65
N SER A 134 -2.66 12.36 15.71
CA SER A 134 -1.77 12.41 14.56
C SER A 134 -2.41 11.73 13.35
N PHE A 135 -3.02 10.57 13.55
CA PHE A 135 -3.62 9.82 12.45
C PHE A 135 -4.66 10.66 11.73
N LYS A 136 -5.59 11.26 12.46
CA LYS A 136 -6.56 12.17 11.86
C LYS A 136 -5.88 13.26 11.03
N LEU A 137 -4.78 13.81 11.55
CA LEU A 137 -4.07 14.84 10.80
C LEU A 137 -3.46 14.26 9.52
N LEU A 138 -2.92 13.04 9.60
CA LEU A 138 -2.35 12.41 8.42
C LEU A 138 -3.44 12.10 7.39
N MET A 139 -4.65 11.81 7.85
CA MET A 139 -5.78 11.66 6.94
C MET A 139 -6.03 12.96 6.18
N ASP A 140 -6.15 14.07 6.92
CA ASP A 140 -6.37 15.36 6.29
C ASP A 140 -5.32 15.67 5.24
N GLY A 141 -4.08 15.25 5.49
CA GLY A 141 -2.98 15.52 4.60
C GLY A 141 -2.72 14.48 3.52
N THR A 142 -3.59 13.48 3.39
CA THR A 142 -3.34 12.39 2.45
C THR A 142 -3.31 12.89 1.01
N LYS A 143 -4.27 13.73 0.62
CA LYS A 143 -4.33 14.20 -0.77
C LYS A 143 -3.07 14.96 -1.14
N LYS A 144 -2.68 15.93 -0.30
CA LYS A 144 -1.45 16.68 -0.55
C LYS A 144 -0.25 15.74 -0.64
N SER A 145 -0.22 14.71 0.22
CA SER A 145 0.94 13.82 0.26
C SER A 145 1.06 13.02 -1.03
N VAL A 146 -0.03 12.36 -1.44
CA VAL A 146 0.05 11.48 -2.61
C VAL A 146 0.20 12.29 -3.90
N LEU A 147 -0.12 13.58 -3.89
CA LEU A 147 -0.01 14.43 -5.07
C LEU A 147 1.37 15.06 -5.24
N LYS A 148 2.27 14.91 -4.26
CA LYS A 148 3.66 15.29 -4.52
C LYS A 148 4.25 14.47 -5.66
N ASN A 149 3.79 13.23 -5.81
CA ASN A 149 4.06 12.38 -6.97
C ASN A 149 3.99 13.22 -8.24
N PRO A 150 5.10 13.38 -8.97
CA PRO A 150 5.04 14.19 -10.20
C PRO A 150 4.07 13.65 -11.24
N ASP A 151 3.85 12.33 -11.27
CA ASP A 151 2.98 11.73 -12.28
C ASP A 151 1.54 12.17 -12.15
N SER A 152 1.18 12.81 -11.04
CA SER A 152 -0.21 13.23 -10.85
C SER A 152 -0.59 14.38 -11.76
N GLN A 153 0.39 15.22 -12.12
CA GLN A 153 0.08 16.46 -12.84
C GLN A 153 -0.46 16.20 -14.23
N SER A 154 0.03 15.15 -14.90
CA SER A 154 -0.43 14.85 -16.24
C SER A 154 -1.89 14.41 -16.30
N GLN A 155 -2.47 14.05 -15.16
CA GLN A 155 -3.76 13.38 -15.14
C GLN A 155 -4.91 14.38 -15.20
N ASP A 156 -6.08 13.84 -15.54
CA ASP A 156 -7.33 14.60 -15.53
C ASP A 156 -7.55 15.25 -14.17
N LYS A 157 -7.42 16.57 -14.11
CA LYS A 157 -7.63 17.29 -12.85
C LYS A 157 -9.04 17.07 -12.30
N ASP A 158 -10.06 17.11 -13.17
CA ASP A 158 -11.43 16.97 -12.69
C ASP A 158 -11.68 15.59 -12.11
N ARG A 159 -11.11 14.55 -12.73
CA ARG A 159 -11.25 13.20 -12.19
C ARG A 159 -10.51 13.05 -10.86
N LEU A 160 -9.32 13.63 -10.76
CA LEU A 160 -8.59 13.58 -9.48
C LEU A 160 -9.38 14.25 -8.39
N GLU A 161 -9.92 15.45 -8.67
CA GLU A 161 -10.63 16.19 -7.63
C GLU A 161 -11.87 15.43 -7.17
N ALA A 162 -12.63 14.89 -8.12
CA ALA A 162 -13.82 14.12 -7.76
C ALA A 162 -13.44 12.87 -6.95
N GLY A 163 -12.35 12.21 -7.34
CA GLY A 163 -11.95 11.01 -6.62
C GLY A 163 -11.50 11.33 -5.20
N PHE A 164 -10.86 12.47 -5.01
CA PHE A 164 -10.45 12.85 -3.66
C PHE A 164 -11.65 13.28 -2.82
N GLN A 165 -12.72 13.76 -3.45
CA GLN A 165 -13.93 14.01 -2.67
C GLN A 165 -14.52 12.70 -2.16
N GLU A 166 -14.56 11.67 -3.01
CA GLU A 166 -14.98 10.35 -2.55
C GLU A 166 -14.15 9.92 -1.33
N LEU A 167 -12.84 10.04 -1.43
CA LEU A 167 -11.98 9.65 -0.32
C LEU A 167 -12.27 10.49 0.91
N HIS A 168 -12.38 11.81 0.72
CA HIS A 168 -12.68 12.73 1.82
C HIS A 168 -13.96 12.33 2.54
N ASP A 169 -15.00 11.95 1.80
CA ASP A 169 -16.26 11.53 2.40
C ASP A 169 -16.06 10.28 3.25
N CYS A 170 -15.36 9.28 2.72
CA CYS A 170 -15.04 8.11 3.51
C CYS A 170 -14.25 8.49 4.76
N PHE A 171 -13.30 9.41 4.61
CA PHE A 171 -12.49 9.85 5.74
C PHE A 171 -13.32 10.58 6.79
N ARG A 172 -14.32 11.35 6.37
CA ARG A 172 -15.19 12.02 7.33
C ARG A 172 -15.78 11.02 8.32
N SER A 173 -16.19 9.86 7.82
CA SER A 173 -16.80 8.86 8.70
C SER A 173 -15.76 8.20 9.60
N VAL A 174 -14.56 7.98 9.06
CA VAL A 174 -13.49 7.40 9.85
C VAL A 174 -13.14 8.31 11.02
N LYS A 175 -12.98 9.60 10.74
CA LYS A 175 -12.39 10.49 11.74
C LYS A 175 -13.17 10.47 13.04
N GLY A 176 -14.49 10.31 12.98
CA GLY A 176 -15.24 10.26 14.22
C GLY A 176 -14.94 9.05 15.08
N LEU A 177 -14.42 7.98 14.48
CA LEU A 177 -14.20 6.72 15.16
C LEU A 177 -12.78 6.54 15.68
N VAL A 178 -11.81 7.26 15.12
CA VAL A 178 -10.42 6.89 15.25
C VAL A 178 -10.07 6.68 16.71
N ALA A 179 -9.48 5.52 17.02
CA ALA A 179 -8.94 5.23 18.33
C ALA A 179 -7.77 4.27 18.14
N ARG A 180 -6.88 4.25 19.13
CA ARG A 180 -5.74 3.35 19.07
C ARG A 180 -6.21 1.90 18.95
N ASP A 181 -5.53 1.15 18.08
CA ASP A 181 -5.67 -0.29 17.89
C ASP A 181 -6.94 -0.63 17.12
N ASP A 182 -7.71 0.34 16.66
CA ASP A 182 -8.68 0.13 15.59
C ASP A 182 -7.95 -0.11 14.27
N ASP A 183 -8.65 -0.68 13.29
CA ASP A 183 -8.08 -0.99 11.99
C ASP A 183 -8.86 -0.26 10.91
N PHE A 184 -8.19 0.62 10.17
CA PHE A 184 -8.73 1.25 8.96
C PHE A 184 -8.19 0.47 7.77
N PHE A 185 -9.09 -0.20 7.03
CA PHE A 185 -8.72 -1.07 5.92
C PHE A 185 -9.00 -0.40 4.58
N ILE A 186 -8.04 -0.50 3.67
CA ILE A 186 -8.18 0.04 2.33
C ILE A 186 -7.79 -1.07 1.36
N GLU A 187 -8.77 -1.60 0.62
CA GLU A 187 -8.53 -2.65 -0.35
C GLU A 187 -8.51 -2.05 -1.75
N LEU A 188 -7.49 -2.39 -2.53
CA LEU A 188 -7.35 -1.92 -3.91
C LEU A 188 -7.87 -3.01 -4.84
N ASN A 189 -9.05 -2.79 -5.42
CA ASN A 189 -9.65 -3.80 -6.29
C ASN A 189 -8.88 -3.89 -7.62
N LYS A 190 -9.20 -4.93 -8.39
CA LYS A 190 -8.46 -5.16 -9.62
C LYS A 190 -8.63 -4.03 -10.63
N ASP A 191 -9.66 -3.20 -10.50
CA ASP A 191 -9.85 -2.06 -11.39
C ASP A 191 -9.33 -0.76 -10.79
N CYS A 192 -8.66 -0.86 -9.63
CA CYS A 192 -8.02 0.24 -8.90
C CYS A 192 -9.01 1.13 -8.16
N SER A 193 -10.31 0.85 -8.23
CA SER A 193 -11.20 1.38 -7.20
C SER A 193 -10.82 0.80 -5.85
N MET A 194 -11.40 1.36 -4.77
CA MET A 194 -11.02 0.97 -3.42
C MET A 194 -12.24 0.77 -2.52
N ASN A 195 -12.27 -0.36 -1.81
CA ASN A 195 -13.26 -0.65 -0.79
C ASN A 195 -12.65 -0.27 0.57
N LEU A 196 -13.30 0.62 1.30
CA LEU A 196 -12.79 1.08 2.59
C LEU A 196 -13.66 0.54 3.71
N SER A 197 -13.02 0.03 4.77
CA SER A 197 -13.74 -0.52 5.90
C SER A 197 -12.99 -0.20 7.19
N TYR A 198 -13.66 -0.39 8.31
CA TYR A 198 -13.14 0.02 9.60
C TYR A 198 -13.54 -0.97 10.68
N TYR A 199 -12.57 -1.39 11.47
CA TYR A 199 -12.82 -2.32 12.58
C TYR A 199 -12.68 -1.56 13.88
N ALA A 200 -13.81 -1.34 14.56
CA ALA A 200 -13.82 -0.77 15.91
C ALA A 200 -13.56 -1.90 16.89
N ARG A 201 -12.29 -2.07 17.28
CA ARG A 201 -11.90 -3.27 18.00
C ARG A 201 -12.64 -3.40 19.33
N LYS A 202 -12.89 -2.29 20.02
CA LYS A 202 -13.44 -2.41 21.37
C LYS A 202 -14.90 -2.84 21.31
N LYS A 203 -15.61 -2.51 20.24
CA LYS A 203 -16.96 -3.00 20.02
C LYS A 203 -16.98 -4.32 19.27
N ASP A 204 -15.85 -4.76 18.74
CA ASP A 204 -15.80 -5.91 17.86
C ASP A 204 -16.84 -5.76 16.76
N GLU A 205 -16.78 -4.63 16.06
CA GLU A 205 -17.73 -4.30 15.01
C GLU A 205 -16.99 -3.83 13.76
N PHE A 206 -17.56 -4.18 12.61
CA PHE A 206 -17.03 -3.74 11.32
C PHE A 206 -17.92 -2.65 10.77
N VAL A 207 -17.30 -1.59 10.26
CA VAL A 207 -17.99 -0.52 9.55
C VAL A 207 -17.52 -0.55 8.11
N ILE A 208 -18.46 -0.64 7.18
CA ILE A 208 -18.18 -0.56 5.76
C ILE A 208 -18.36 0.89 5.36
N LEU A 209 -17.29 1.55 4.95
CA LEU A 209 -17.31 2.99 4.72
C LEU A 209 -17.79 3.33 3.33
N GLY A 210 -17.45 2.52 2.36
CA GLY A 210 -17.91 2.73 1.00
C GLY A 210 -16.79 2.44 0.04
N THR A 211 -16.96 2.94 -1.18
CA THR A 211 -16.04 2.67 -2.28
C THR A 211 -15.63 3.98 -2.92
N VAL A 212 -14.35 4.07 -3.24
CA VAL A 212 -13.80 5.14 -4.08
C VAL A 212 -13.74 4.57 -5.48
N LYS A 213 -14.59 5.08 -6.38
CA LYS A 213 -14.68 4.51 -7.71
C LYS A 213 -13.54 4.97 -8.61
N GLU A 214 -13.09 6.21 -8.46
CA GLU A 214 -12.07 6.75 -9.35
C GLU A 214 -10.75 5.99 -9.19
N PRO A 215 -10.30 5.29 -10.24
CA PRO A 215 -9.09 4.44 -10.11
C PRO A 215 -7.79 5.20 -9.92
N LEU A 216 -7.74 6.48 -10.29
CA LEU A 216 -6.51 7.24 -10.12
C LEU A 216 -6.13 7.37 -8.65
N ILE A 217 -7.12 7.40 -7.75
CA ILE A 217 -6.83 7.63 -6.35
C ILE A 217 -6.12 6.43 -5.74
N GLY A 218 -6.63 5.23 -6.00
CA GLY A 218 -5.95 4.02 -5.55
C GLY A 218 -4.57 3.85 -6.17
N LYS A 219 -4.41 4.24 -7.42
CA LYS A 219 -3.07 4.22 -8.03
C LYS A 219 -2.13 5.15 -7.28
N LEU A 220 -2.58 6.38 -7.02
CA LEU A 220 -1.73 7.36 -6.35
C LEU A 220 -1.42 6.95 -4.91
N LEU A 221 -2.40 6.40 -4.19
CA LEU A 221 -2.17 6.04 -2.80
C LEU A 221 -1.22 4.86 -2.67
N PHE A 222 -1.41 3.82 -3.48
CA PHE A 222 -0.53 2.67 -3.32
C PHE A 222 0.84 2.90 -3.95
N ALA A 223 0.93 3.72 -5.01
CA ALA A 223 2.26 4.16 -5.45
C ALA A 223 3.00 4.87 -4.31
N HIS A 224 2.28 5.61 -3.47
CA HIS A 224 2.90 6.30 -2.36
C HIS A 224 3.36 5.34 -1.28
N TYR A 225 2.49 4.39 -0.89
CA TYR A 225 2.89 3.38 0.08
C TYR A 225 4.19 2.71 -0.34
N LEU A 226 4.30 2.37 -1.62
CA LEU A 226 5.43 1.61 -2.15
C LEU A 226 6.53 2.47 -2.75
N ALA A 227 6.50 3.78 -2.53
CA ALA A 227 7.48 4.67 -3.14
C ALA A 227 8.88 4.33 -2.64
N ALA A 228 9.84 4.34 -3.57
CA ALA A 228 11.23 4.13 -3.17
C ALA A 228 11.76 5.34 -2.42
N VAL A 229 11.29 6.54 -2.77
CA VAL A 229 11.70 7.78 -2.13
C VAL A 229 10.55 8.29 -1.27
N ASP A 230 10.83 8.54 0.00
CA ASP A 230 9.87 9.13 0.93
C ASP A 230 8.51 8.42 0.96
N PRO A 231 8.50 7.11 1.15
CA PRO A 231 7.24 6.43 1.45
C PRO A 231 6.81 6.73 2.88
N PRO A 232 5.53 6.55 3.20
CA PRO A 232 5.08 6.83 4.58
C PRO A 232 5.88 6.07 5.62
N SER A 233 6.07 4.78 5.38
CA SER A 233 6.85 3.91 6.26
C SER A 233 7.99 3.34 5.44
N PRO A 234 9.19 3.89 5.53
CA PRO A 234 10.32 3.27 4.84
C PRO A 234 10.51 1.80 5.20
N GLU A 235 10.30 1.39 6.45
CA GLU A 235 10.54 -0.02 6.78
C GLU A 235 9.48 -0.92 6.14
N ALA A 236 8.24 -0.47 6.04
CA ALA A 236 7.21 -1.28 5.39
C ALA A 236 7.50 -1.43 3.90
N ARG A 237 7.90 -0.33 3.26
CA ARG A 237 8.20 -0.40 1.83
C ARG A 237 9.32 -1.41 1.57
N LYS A 238 10.40 -1.37 2.36
CA LYS A 238 11.50 -2.30 2.15
C LYS A 238 11.01 -3.74 2.19
N GLU A 239 10.18 -4.07 3.19
CA GLU A 239 9.67 -5.43 3.30
C GLU A 239 8.80 -5.78 2.09
N VAL A 240 7.96 -4.86 1.66
CA VAL A 240 7.12 -5.15 0.50
C VAL A 240 7.98 -5.51 -0.72
N ILE A 241 9.00 -4.69 -1.00
CA ILE A 241 9.88 -4.91 -2.15
C ILE A 241 10.54 -6.28 -2.06
N ASP A 242 11.06 -6.64 -0.88
CA ASP A 242 11.66 -7.96 -0.74
C ASP A 242 10.64 -9.06 -1.00
N ALA A 243 9.41 -8.87 -0.55
CA ALA A 243 8.38 -9.87 -0.82
C ALA A 243 8.14 -9.99 -2.32
N LEU A 244 8.10 -8.86 -3.02
CA LEU A 244 7.81 -8.89 -4.45
C LEU A 244 8.96 -9.50 -5.25
N VAL A 245 10.18 -9.08 -4.97
CA VAL A 245 11.35 -9.68 -5.62
C VAL A 245 11.33 -11.20 -5.45
N SER A 246 11.10 -11.68 -4.22
CA SER A 246 11.15 -13.11 -3.99
C SER A 246 10.06 -13.85 -4.76
N LEU A 247 8.97 -13.16 -5.12
CA LEU A 247 7.89 -13.73 -5.92
C LEU A 247 8.16 -13.69 -7.42
N SER A 248 9.22 -13.02 -7.84
CA SER A 248 9.43 -12.79 -9.26
C SER A 248 10.47 -13.77 -9.82
C1 AKG B . 0.33 8.58 5.58
O1 AKG B . 0.51 9.87 5.55
O2 AKG B . 0.97 7.81 6.27
C2 AKG B . -0.76 8.06 4.61
O5 AKG B . -0.46 7.44 3.59
C3 AKG B . -2.19 8.35 4.95
C4 AKG B . -3.13 7.22 4.57
C5 AKG B . -3.96 6.77 5.72
O3 AKG B . -5.05 7.48 5.88
O4 AKG B . -3.63 5.86 6.45
H31 AKG B . -2.46 9.15 4.47
H32 AKG B . -2.25 8.51 5.90
H41 AKG B . -3.71 7.53 3.87
H42 AKG B . -2.60 6.48 4.25
#